data_6F37
#
_entry.id   6F37
#
_cell.length_a   88.760
_cell.length_b   88.760
_cell.length_c   88.760
_cell.angle_alpha   90.000
_cell.angle_beta   90.000
_cell.angle_gamma   90.000
#
_symmetry.space_group_name_H-M   'P 21 3'
#
loop_
_entity.id
_entity.type
_entity.pdbx_description
1 polymer 'Nano3,Fucose-binding lectin protein'
2 non-polymer beta-D-mannopyranose
3 non-polymer '2-[N-CYCLOHEXYLAMINO]ETHANE SULFONIC ACID'
4 water water
#
_entity_poly.entity_id   1
_entity_poly.type   'polypeptide(L)'
_entity_poly.pdbx_seq_one_letter_code
;SSEIAALKQEIAALKKEIAALKAGASVQTAATSWGTVPSIRVYTANNGKITERCWDGKGWYTGAFNEPGDNVSVTSWLVG
SAIHIRVYASTGTTTTEWCWDGNGWTKGAYTATN
;
_entity_poly.pdbx_strand_id   A,B
#
loop_
_chem_comp.id
_chem_comp.type
_chem_comp.name
_chem_comp.formula
BMA D-saccharide, beta linking beta-D-mannopyranose 'C6 H12 O6'
NHE non-polymer '2-[N-CYCLOHEXYLAMINO]ETHANE SULFONIC ACID' 'C8 H17 N O3 S'
#
# COMPACT_ATOMS: atom_id res chain seq x y z
N SER A 1 -35.05 15.17 -24.03
CA SER A 1 -34.16 15.42 -25.20
C SER A 1 -33.39 14.15 -25.63
N SER A 2 -33.06 14.08 -26.92
CA SER A 2 -32.26 12.97 -27.47
C SER A 2 -30.75 13.09 -27.20
N GLU A 3 -30.31 14.24 -26.66
CA GLU A 3 -28.95 14.41 -26.16
C GLU A 3 -28.71 13.54 -24.92
N ILE A 4 -29.65 13.58 -23.98
CA ILE A 4 -29.58 12.81 -22.73
C ILE A 4 -29.84 11.32 -22.98
N ALA A 5 -30.76 11.02 -23.90
CA ALA A 5 -31.07 9.63 -24.30
C ALA A 5 -29.89 8.91 -24.97
N ALA A 6 -29.04 9.67 -25.67
CA ALA A 6 -27.84 9.12 -26.31
C ALA A 6 -26.81 8.63 -25.28
N LEU A 7 -26.50 9.49 -24.31
CA LEU A 7 -25.57 9.15 -23.22
C LEU A 7 -26.13 8.09 -22.24
N LYS A 8 -27.45 7.97 -22.17
CA LYS A 8 -28.09 6.93 -21.34
C LYS A 8 -27.94 5.53 -21.95
N GLN A 9 -27.83 5.44 -23.27
CA GLN A 9 -27.46 4.18 -23.95
C GLN A 9 -25.94 3.98 -24.05
N GLU A 10 -25.18 5.07 -23.98
CA GLU A 10 -23.72 5.02 -23.93
C GLU A 10 -23.23 4.34 -22.64
N ILE A 11 -23.71 4.84 -21.50
CA ILE A 11 -23.41 4.22 -20.19
C ILE A 11 -23.96 2.80 -20.06
N ALA A 12 -25.09 2.52 -20.71
CA ALA A 12 -25.68 1.17 -20.73
C ALA A 12 -24.78 0.16 -21.45
N ALA A 13 -24.15 0.60 -22.54
CA ALA A 13 -23.19 -0.22 -23.29
C ALA A 13 -21.89 -0.47 -22.51
N LEU A 14 -21.43 0.54 -21.76
CA LEU A 14 -20.24 0.41 -20.91
C LEU A 14 -20.47 -0.54 -19.73
N LYS A 15 -21.70 -0.61 -19.22
CA LYS A 15 -22.09 -1.59 -18.20
C LYS A 15 -22.03 -3.03 -18.70
N LYS A 16 -22.37 -3.24 -19.97
CA LYS A 16 -22.27 -4.56 -20.60
C LYS A 16 -20.82 -5.01 -20.75
N GLU A 17 -19.94 -4.06 -21.10
CA GLU A 17 -18.51 -4.34 -21.27
C GLU A 17 -17.80 -4.60 -19.95
N ILE A 18 -18.07 -3.78 -18.94
CA ILE A 18 -17.47 -3.95 -17.60
C ILE A 18 -17.91 -5.27 -16.95
N ALA A 19 -19.18 -5.64 -17.12
CA ALA A 19 -19.71 -6.91 -16.60
C ALA A 19 -19.06 -8.15 -17.26
N ALA A 20 -18.73 -8.04 -18.55
CA ALA A 20 -18.01 -9.10 -19.27
C ALA A 20 -16.58 -9.28 -18.74
N LEU A 21 -15.93 -8.17 -18.42
CA LEU A 21 -14.58 -8.18 -17.81
C LEU A 21 -14.60 -8.80 -16.40
N LYS A 22 -15.57 -8.38 -15.59
CA LYS A 22 -15.74 -8.94 -14.22
C LYS A 22 -16.12 -10.42 -14.18
N ALA A 23 -16.77 -10.91 -15.25
CA ALA A 23 -17.15 -12.33 -15.36
C ALA A 23 -15.95 -13.26 -15.36
N GLY A 24 -14.92 -12.90 -16.12
CA GLY A 24 -13.69 -13.69 -16.20
C GLY A 24 -12.80 -13.67 -14.96
N ALA A 25 -13.02 -12.71 -14.06
CA ALA A 25 -12.17 -12.55 -12.88
C ALA A 25 -12.24 -13.73 -11.93
N SER A 26 -11.08 -14.11 -11.39
CA SER A 26 -10.98 -15.16 -10.38
C SER A 26 -9.63 -15.11 -9.68
N VAL A 27 -9.50 -15.91 -8.63
CA VAL A 27 -8.19 -16.09 -8.00
C VAL A 27 -7.26 -16.83 -8.98
N GLN A 28 -5.97 -16.61 -8.82
CA GLN A 28 -4.96 -17.19 -9.71
C GLN A 28 -4.09 -18.15 -8.90
N THR A 29 -3.95 -19.39 -9.38
CA THR A 29 -3.18 -20.41 -8.66
C THR A 29 -1.97 -20.93 -9.43
N ALA A 30 -1.01 -21.44 -8.67
CA ALA A 30 0.12 -22.21 -9.21
C ALA A 30 0.35 -23.39 -8.30
N ALA A 31 0.81 -24.50 -8.86
CA ALA A 31 1.02 -25.72 -8.08
C ALA A 31 2.35 -26.36 -8.42
N THR A 32 2.95 -27.01 -7.43
CA THR A 32 4.12 -27.86 -7.61
C THR A 32 3.99 -29.07 -6.69
N SER A 33 4.71 -30.13 -7.01
CA SER A 33 4.72 -31.34 -6.22
C SER A 33 6.06 -32.04 -6.32
N TRP A 34 6.34 -32.91 -5.36
CA TRP A 34 7.60 -33.67 -5.35
C TRP A 34 7.47 -35.01 -4.65
N GLY A 35 8.35 -35.93 -5.01
CA GLY A 35 8.35 -37.28 -4.47
C GLY A 35 7.17 -38.11 -4.92
N THR A 36 6.92 -39.18 -4.17
CA THR A 36 5.88 -40.16 -4.51
C THR A 36 4.67 -40.17 -3.55
N VAL A 37 4.79 -39.51 -2.40
CA VAL A 37 3.70 -39.47 -1.43
C VAL A 37 2.39 -38.92 -2.03
N PRO A 38 2.37 -37.72 -2.65
CA PRO A 38 3.49 -36.81 -2.74
C PRO A 38 3.34 -35.69 -1.74
N SER A 39 4.25 -34.72 -1.81
CA SER A 39 4.01 -33.43 -1.20
C SER A 39 3.52 -32.52 -2.30
N ILE A 40 2.53 -31.69 -1.98
CA ILE A 40 1.98 -30.73 -2.92
C ILE A 40 1.89 -29.37 -2.25
N ARG A 41 2.28 -28.33 -2.98
CA ARG A 41 2.13 -26.96 -2.53
C ARG A 41 1.32 -26.22 -3.57
N VAL A 42 0.30 -25.50 -3.11
CA VAL A 42 -0.59 -24.76 -3.98
C VAL A 42 -0.60 -23.31 -3.51
N TYR A 43 -0.18 -22.41 -4.41
CA TYR A 43 -0.08 -20.99 -4.14
C TYR A 43 -1.26 -20.29 -4.81
N THR A 44 -1.88 -19.35 -4.09
CA THR A 44 -3.07 -18.65 -4.58
C THR A 44 -2.90 -17.14 -4.42
N ALA A 45 -2.88 -16.43 -5.54
CA ALA A 45 -2.95 -14.98 -5.53
C ALA A 45 -4.42 -14.58 -5.41
N ASN A 46 -4.74 -13.87 -4.34
CA ASN A 46 -6.10 -13.40 -4.09
C ASN A 46 -6.02 -12.01 -3.50
N ASN A 47 -6.65 -11.05 -4.18
CA ASN A 47 -6.76 -9.68 -3.68
C ASN A 47 -5.39 -9.10 -3.31
N GLY A 48 -4.42 -9.29 -4.20
CA GLY A 48 -3.08 -8.76 -4.02
C GLY A 48 -2.18 -9.48 -3.02
N LYS A 49 -2.59 -10.64 -2.51
CA LYS A 49 -1.77 -11.43 -1.56
C LYS A 49 -1.72 -12.90 -1.98
N ILE A 50 -0.55 -13.51 -1.87
CA ILE A 50 -0.34 -14.90 -2.24
C ILE A 50 -0.15 -15.71 -0.96
N THR A 51 -1.00 -16.73 -0.79
CA THR A 51 -0.91 -17.66 0.33
C THR A 51 -0.68 -19.08 -0.20
N GLU A 52 -0.27 -19.97 0.70
CA GLU A 52 0.19 -21.30 0.35
C GLU A 52 -0.59 -22.35 1.14
N ARG A 53 -1.04 -23.38 0.44
CA ARG A 53 -1.68 -24.55 1.04
C ARG A 53 -0.86 -25.78 0.71
N CYS A 54 -0.74 -26.68 1.69
CA CYS A 54 0.26 -27.76 1.67
C CYS A 54 -0.38 -29.11 1.89
N TRP A 55 0.15 -30.12 1.21
CA TRP A 55 -0.25 -31.51 1.40
C TRP A 55 1.01 -32.35 1.50
N ASP A 56 1.14 -33.15 2.56
CA ASP A 56 2.22 -34.15 2.67
C ASP A 56 1.66 -35.54 2.95
N GLY A 57 0.41 -35.78 2.57
CA GLY A 57 -0.20 -37.10 2.62
C GLY A 57 -1.26 -37.28 3.69
N LYS A 58 -1.40 -36.29 4.58
CA LYS A 58 -2.25 -36.41 5.77
C LYS A 58 -3.02 -35.11 6.00
N GLY A 59 -3.74 -34.67 4.97
CA GLY A 59 -4.61 -33.50 5.04
C GLY A 59 -3.93 -32.20 4.61
N TRP A 60 -4.77 -31.22 4.26
CA TRP A 60 -4.31 -29.91 3.82
C TRP A 60 -4.11 -28.95 4.98
N TYR A 61 -3.05 -28.15 4.91
CA TYR A 61 -2.78 -27.11 5.90
C TYR A 61 -2.09 -25.92 5.26
N THR A 62 -2.14 -24.79 5.96
CA THR A 62 -1.59 -23.54 5.45
C THR A 62 -0.10 -23.47 5.75
N GLY A 63 0.69 -23.15 4.73
CA GLY A 63 2.14 -23.05 4.86
C GLY A 63 2.62 -21.68 5.26
N ALA A 64 3.93 -21.58 5.49
CA ALA A 64 4.56 -20.34 5.95
C ALA A 64 4.56 -19.21 4.91
N PHE A 65 4.46 -19.54 3.62
CA PHE A 65 4.57 -18.52 2.58
C PHE A 65 3.41 -17.53 2.61
N ASN A 66 3.74 -16.26 2.70
CA ASN A 66 2.77 -15.20 2.69
C ASN A 66 3.44 -13.92 2.20
N GLU A 67 3.19 -13.57 0.94
CA GLU A 67 3.78 -12.38 0.31
C GLU A 67 2.79 -11.70 -0.64
N PRO A 68 3.03 -10.41 -0.97
CA PRO A 68 2.16 -9.73 -1.93
C PRO A 68 2.38 -10.18 -3.38
N GLY A 69 1.31 -10.11 -4.17
CA GLY A 69 1.35 -10.49 -5.58
C GLY A 69 -0.04 -10.68 -6.13
N ASP A 70 -0.24 -10.24 -7.37
CA ASP A 70 -1.48 -10.48 -8.11
C ASP A 70 -1.34 -11.65 -9.09
N ASN A 71 -0.11 -12.06 -9.36
CA ASN A 71 0.18 -13.24 -10.16
C ASN A 71 1.27 -14.07 -9.47
N VAL A 72 1.20 -15.39 -9.65
CA VAL A 72 2.17 -16.31 -9.08
C VAL A 72 2.47 -17.47 -10.03
N SER A 73 3.75 -17.83 -10.12
CA SER A 73 4.17 -19.12 -10.68
C SER A 73 5.17 -19.73 -9.73
N VAL A 74 5.37 -21.04 -9.86
CA VAL A 74 6.25 -21.78 -8.98
C VAL A 74 6.95 -22.91 -9.72
N THR A 75 8.18 -23.21 -9.29
CA THR A 75 8.86 -24.44 -9.67
C THR A 75 9.60 -24.95 -8.45
N SER A 76 9.92 -26.24 -8.45
CA SER A 76 10.69 -26.85 -7.37
C SER A 76 11.56 -28.00 -7.87
N TRP A 77 12.55 -28.37 -7.06
CA TRP A 77 13.44 -29.48 -7.38
C TRP A 77 14.00 -30.11 -6.12
N LEU A 78 14.37 -31.38 -6.25
CA LEU A 78 14.96 -32.15 -5.15
C LEU A 78 16.47 -32.22 -5.28
N VAL A 79 17.18 -31.88 -4.21
CA VAL A 79 18.58 -32.25 -4.05
C VAL A 79 18.57 -33.38 -3.02
N GLY A 80 18.56 -34.62 -3.53
CA GLY A 80 18.37 -35.79 -2.67
C GLY A 80 16.94 -35.82 -2.14
N SER A 81 16.81 -35.81 -0.81
CA SER A 81 15.51 -35.71 -0.14
C SER A 81 15.11 -34.26 0.16
N ALA A 82 16.05 -33.33 0.03
CA ALA A 82 15.81 -31.93 0.35
C ALA A 82 15.08 -31.23 -0.79
N ILE A 83 13.99 -30.53 -0.46
CA ILE A 83 13.19 -29.79 -1.45
C ILE A 83 13.63 -28.33 -1.51
N HIS A 84 13.71 -27.80 -2.73
CA HIS A 84 13.94 -26.38 -2.97
C HIS A 84 12.81 -25.86 -3.84
N ILE A 85 12.20 -24.76 -3.41
CA ILE A 85 11.05 -24.17 -4.11
C ILE A 85 11.39 -22.75 -4.49
N ARG A 86 10.93 -22.35 -5.67
CA ARG A 86 11.09 -20.97 -6.14
C ARG A 86 9.74 -20.45 -6.58
N VAL A 87 9.28 -19.39 -5.90
CA VAL A 87 7.98 -18.78 -6.19
C VAL A 87 8.25 -17.38 -6.75
N TYR A 88 7.62 -17.10 -7.89
CA TYR A 88 7.79 -15.82 -8.58
C TYR A 88 6.49 -15.04 -8.47
N ALA A 89 6.49 -14.04 -7.59
CA ALA A 89 5.31 -13.24 -7.29
C ALA A 89 5.42 -11.90 -8.00
N SER A 90 4.39 -11.55 -8.76
CA SER A 90 4.39 -10.35 -9.59
C SER A 90 3.29 -9.37 -9.18
N THR A 91 3.67 -8.09 -9.09
CA THR A 91 2.73 -6.97 -8.91
C THR A 91 3.10 -5.90 -9.94
N GLY A 92 2.13 -5.49 -10.75
CA GLY A 92 2.39 -4.59 -11.86
C GLY A 92 3.37 -5.23 -12.83
N THR A 93 4.53 -4.61 -12.99
CA THR A 93 5.63 -5.18 -13.78
C THR A 93 6.81 -5.68 -12.93
N THR A 94 6.67 -5.65 -11.61
CA THR A 94 7.74 -6.09 -10.71
C THR A 94 7.49 -7.53 -10.28
N THR A 95 8.49 -8.38 -10.48
CA THR A 95 8.43 -9.80 -10.16
C THR A 95 9.52 -10.12 -9.15
N THR A 96 9.13 -10.58 -7.97
CA THR A 96 10.07 -10.95 -6.91
C THR A 96 10.16 -12.47 -6.80
N GLU A 97 11.38 -12.99 -6.77
CA GLU A 97 11.60 -14.42 -6.55
C GLU A 97 11.69 -14.67 -5.05
N TRP A 98 11.01 -15.72 -4.58
CA TRP A 98 11.07 -16.14 -3.19
C TRP A 98 11.59 -17.56 -3.12
N CYS A 99 12.48 -17.82 -2.15
CA CYS A 99 13.26 -19.05 -2.11
C CYS A 99 13.04 -19.83 -0.81
N TRP A 100 12.55 -21.06 -0.92
CA TRP A 100 12.57 -22.02 0.18
C TRP A 100 13.77 -22.94 -0.05
N ASP A 101 14.62 -23.07 0.97
CA ASP A 101 15.79 -23.98 0.94
C ASP A 101 15.98 -24.75 2.25
N GLY A 102 14.91 -24.97 3.02
CA GLY A 102 14.98 -25.79 4.24
C GLY A 102 14.51 -25.12 5.52
N ASN A 103 14.78 -23.83 5.68
CA ASN A 103 14.24 -23.09 6.83
C ASN A 103 14.08 -21.59 6.58
N GLY A 104 13.00 -21.27 5.88
CA GLY A 104 12.50 -19.91 5.75
C GLY A 104 12.49 -19.42 4.32
N TRP A 105 11.61 -18.48 4.05
CA TRP A 105 11.48 -17.88 2.74
C TRP A 105 12.38 -16.65 2.63
N THR A 106 13.30 -16.64 1.67
CA THR A 106 14.20 -15.51 1.43
C THR A 106 14.01 -14.94 0.02
N LYS A 107 14.38 -13.67 -0.13
CA LYS A 107 14.27 -12.96 -1.40
C LYS A 107 15.38 -13.44 -2.31
N GLY A 108 15.03 -13.88 -3.51
CA GLY A 108 15.99 -14.43 -4.47
C GLY A 108 16.63 -13.38 -5.36
N ALA A 109 17.67 -13.78 -6.08
CA ALA A 109 18.43 -12.86 -6.94
C ALA A 109 17.71 -12.45 -8.23
N TYR A 110 16.65 -13.17 -8.62
CA TYR A 110 15.94 -12.92 -9.87
C TYR A 110 15.64 -11.45 -10.11
N THR A 111 15.92 -11.02 -11.35
CA THR A 111 15.43 -9.76 -11.88
C THR A 111 14.94 -9.99 -13.30
N ALA A 112 14.02 -9.15 -13.75
CA ALA A 112 13.49 -9.21 -15.12
C ALA A 112 14.41 -8.47 -16.10
N THR A 113 14.93 -7.32 -15.67
CA THR A 113 15.87 -6.48 -16.45
C THR A 113 15.29 -6.06 -17.80
N SER B 1 -36.00 20.52 38.48
CA SER B 1 -37.15 20.54 37.50
C SER B 1 -36.76 19.88 36.18
N SER B 2 -37.76 19.68 35.32
CA SER B 2 -37.52 19.26 33.94
C SER B 2 -36.85 20.37 33.11
N GLU B 3 -37.02 21.61 33.57
CA GLU B 3 -36.28 22.76 33.03
C GLU B 3 -34.75 22.56 33.08
N ILE B 4 -34.28 22.09 34.23
CA ILE B 4 -32.85 21.82 34.44
C ILE B 4 -32.41 20.56 33.70
N ALA B 5 -33.24 19.53 33.76
CA ALA B 5 -33.02 18.31 32.98
C ALA B 5 -32.79 18.62 31.50
N ALA B 6 -33.60 19.53 30.95
CA ALA B 6 -33.49 19.94 29.55
C ALA B 6 -32.16 20.62 29.25
N LEU B 7 -31.69 21.47 30.17
CA LEU B 7 -30.41 22.14 30.02
C LEU B 7 -29.22 21.17 30.02
N LYS B 8 -29.29 20.13 30.85
CA LYS B 8 -28.27 19.08 30.88
C LYS B 8 -28.13 18.37 29.53
N GLN B 9 -29.25 18.11 28.88
CA GLN B 9 -29.24 17.43 27.57
C GLN B 9 -28.63 18.37 26.52
N GLU B 10 -29.02 19.63 26.63
CA GLU B 10 -28.51 20.73 25.80
C GLU B 10 -26.98 20.84 25.93
N ILE B 11 -26.48 20.76 27.15
CA ILE B 11 -25.03 20.76 27.39
C ILE B 11 -24.32 19.55 26.79
N ALA B 12 -24.91 18.36 26.94
CA ALA B 12 -24.35 17.15 26.36
C ALA B 12 -24.29 17.25 24.83
N ALA B 13 -25.36 17.75 24.22
CA ALA B 13 -25.42 17.96 22.79
C ALA B 13 -24.36 18.94 22.29
N LEU B 14 -24.08 19.97 23.09
CA LEU B 14 -22.99 20.91 22.78
C LEU B 14 -21.62 20.24 22.84
N LYS B 15 -21.40 19.40 23.85
CA LYS B 15 -20.16 18.62 23.95
C LYS B 15 -19.99 17.65 22.77
N LYS B 16 -21.09 17.07 22.31
CA LYS B 16 -21.09 16.22 21.12
C LYS B 16 -20.61 16.99 19.87
N GLU B 17 -21.15 18.20 19.68
CA GLU B 17 -20.76 19.06 18.56
C GLU B 17 -19.28 19.44 18.56
N ILE B 18 -18.76 19.77 19.74
CA ILE B 18 -17.35 20.12 19.91
C ILE B 18 -16.41 18.94 19.63
N ALA B 19 -16.77 17.76 20.12
CA ALA B 19 -16.00 16.55 19.85
C ALA B 19 -15.93 16.27 18.34
N ALA B 20 -17.06 16.43 17.67
CA ALA B 20 -17.15 16.24 16.22
C ALA B 20 -16.26 17.20 15.45
N LEU B 21 -16.16 18.44 15.93
CA LEU B 21 -15.27 19.43 15.34
C LEU B 21 -13.81 19.04 15.46
N LYS B 22 -13.42 18.58 16.64
CA LYS B 22 -12.03 18.17 16.89
C LYS B 22 -11.69 16.88 16.12
N ALA B 23 -12.61 15.92 16.12
CA ALA B 23 -12.43 14.66 15.41
C ALA B 23 -12.52 14.83 13.88
N GLY B 24 -13.45 15.67 13.43
CA GLY B 24 -13.70 15.88 12.01
C GLY B 24 -12.82 16.91 11.32
N ALA B 25 -11.71 17.30 11.96
CA ALA B 25 -10.75 18.26 11.39
C ALA B 25 -10.32 17.96 9.94
N SER B 26 -10.31 16.67 9.59
CA SER B 26 -10.00 16.17 8.24
C SER B 26 -8.48 16.11 8.03
N VAL B 27 -8.03 15.02 7.42
CA VAL B 27 -6.62 14.75 7.24
C VAL B 27 -6.07 15.61 6.10
N GLN B 28 -4.98 16.33 6.40
CA GLN B 28 -4.43 17.36 5.52
C GLN B 28 -3.16 16.86 4.82
N THR B 29 -3.12 16.98 3.49
CA THR B 29 -2.01 16.46 2.68
C THR B 29 -1.26 17.54 1.89
N ALA B 30 -0.01 17.23 1.56
CA ALA B 30 0.83 18.09 0.73
C ALA B 30 1.76 17.21 -0.12
N ALA B 31 1.86 17.50 -1.41
CA ALA B 31 2.55 16.62 -2.36
C ALA B 31 3.61 17.33 -3.21
N THR B 32 4.63 16.57 -3.61
CA THR B 32 5.63 17.00 -4.58
C THR B 32 5.95 15.83 -5.52
N SER B 33 6.64 16.14 -6.62
CA SER B 33 7.07 15.12 -7.59
C SER B 33 8.28 15.56 -8.39
N TRP B 34 9.09 14.59 -8.82
CA TRP B 34 10.26 14.86 -9.66
C TRP B 34 10.51 13.75 -10.67
N GLY B 35 11.31 14.07 -11.68
CA GLY B 35 11.63 13.13 -12.75
C GLY B 35 10.48 12.91 -13.71
N THR B 36 10.69 12.01 -14.66
CA THR B 36 9.72 11.71 -15.73
C THR B 36 8.95 10.40 -15.49
N VAL B 37 9.37 9.61 -14.50
CA VAL B 37 8.70 8.33 -14.17
C VAL B 37 7.23 8.49 -13.71
N PRO B 38 6.92 9.26 -12.67
CA PRO B 38 7.86 10.02 -11.85
C PRO B 38 8.08 9.38 -10.49
N SER B 39 8.83 10.07 -9.64
CA SER B 39 8.83 9.82 -8.20
C SER B 39 7.86 10.83 -7.57
N ILE B 40 6.98 10.34 -6.70
CA ILE B 40 6.01 11.18 -6.00
C ILE B 40 6.14 10.95 -4.49
N ARG B 41 6.05 12.03 -3.72
CA ARG B 41 6.06 11.97 -2.27
C ARG B 41 4.88 12.76 -1.70
N VAL B 42 3.85 12.04 -1.26
CA VAL B 42 2.68 12.62 -0.59
C VAL B 42 2.91 12.56 0.92
N TYR B 43 2.76 13.72 1.58
CA TYR B 43 2.85 13.83 3.04
C TYR B 43 1.44 14.09 3.57
N THR B 44 1.15 13.56 4.76
CA THR B 44 -0.22 13.48 5.28
C THR B 44 -0.28 13.80 6.78
N ALA B 45 -0.75 15.00 7.12
CA ALA B 45 -0.91 15.43 8.51
C ALA B 45 -2.22 14.87 9.09
N ASN B 46 -2.10 13.86 9.96
CA ASN B 46 -3.24 13.14 10.54
C ASN B 46 -3.03 12.97 12.04
N ASN B 47 -3.85 13.66 12.84
CA ASN B 47 -3.85 13.56 14.29
C ASN B 47 -2.55 14.12 14.90
N GLY B 48 -2.21 15.35 14.50
CA GLY B 48 -1.02 16.04 14.98
C GLY B 48 0.30 15.37 14.65
N LYS B 49 0.33 14.61 13.55
CA LYS B 49 1.53 13.87 13.11
C LYS B 49 1.53 13.68 11.59
N ILE B 50 2.73 13.70 11.00
CA ILE B 50 2.92 13.61 9.55
C ILE B 50 3.71 12.34 9.22
N THR B 51 3.20 11.56 8.26
CA THR B 51 3.95 10.45 7.65
C THR B 51 4.00 10.63 6.13
N GLU B 52 4.87 9.86 5.50
CA GLU B 52 5.17 9.96 4.07
C GLU B 52 4.72 8.71 3.33
N ARG B 53 4.22 8.88 2.11
CA ARG B 53 3.93 7.77 1.20
C ARG B 53 4.68 8.01 -0.10
N CYS B 54 5.38 6.98 -0.57
CA CYS B 54 6.33 7.09 -1.68
C CYS B 54 5.91 6.27 -2.89
N TRP B 55 6.07 6.86 -4.08
CA TRP B 55 5.87 6.18 -5.37
C TRP B 55 7.12 6.43 -6.22
N ASP B 56 7.73 5.36 -6.74
CA ASP B 56 8.84 5.47 -7.71
C ASP B 56 8.56 4.67 -9.00
N GLY B 57 7.29 4.32 -9.24
CA GLY B 57 6.87 3.58 -10.44
C GLY B 57 6.49 2.12 -10.21
N LYS B 58 6.86 1.58 -9.05
CA LYS B 58 6.70 0.14 -8.74
C LYS B 58 5.76 -0.07 -7.53
N GLY B 59 4.64 0.64 -7.52
CA GLY B 59 3.69 0.59 -6.40
C GLY B 59 3.99 1.61 -5.31
N TRP B 60 3.05 1.74 -4.37
CA TRP B 60 3.20 2.67 -3.23
C TRP B 60 3.82 1.98 -2.01
N TYR B 61 4.46 2.78 -1.16
CA TYR B 61 5.05 2.29 0.09
C TYR B 61 5.32 3.44 1.09
N THR B 62 5.35 3.11 2.38
CA THR B 62 5.55 4.10 3.45
C THR B 62 7.02 4.53 3.51
N GLY B 63 7.23 5.84 3.64
CA GLY B 63 8.56 6.45 3.64
C GLY B 63 9.15 6.62 5.03
N ALA B 64 10.43 6.98 5.08
CA ALA B 64 11.17 7.13 6.34
C ALA B 64 10.77 8.35 7.17
N PHE B 65 10.15 9.36 6.55
CA PHE B 65 9.77 10.60 7.24
C PHE B 65 8.60 10.38 8.20
N ASN B 66 8.83 10.70 9.48
CA ASN B 66 7.83 10.55 10.53
C ASN B 66 8.06 11.62 11.60
N GLU B 67 7.28 12.70 11.55
CA GLU B 67 7.47 13.88 12.41
C GLU B 67 6.13 14.48 12.86
N PRO B 68 6.12 15.25 13.98
CA PRO B 68 4.88 15.89 14.42
C PRO B 68 4.47 17.05 13.52
N GLY B 69 3.18 17.38 13.54
CA GLY B 69 2.62 18.46 12.71
C GLY B 69 1.13 18.31 12.46
N ASP B 70 0.37 19.37 12.77
CA ASP B 70 -1.04 19.46 12.39
C ASP B 70 -1.16 19.93 10.93
N ASN B 71 -0.27 20.84 10.52
CA ASN B 71 -0.21 21.35 9.16
C ASN B 71 1.13 20.97 8.50
N VAL B 72 1.11 20.69 7.20
CA VAL B 72 2.31 20.39 6.41
C VAL B 72 2.24 20.97 4.99
N SER B 73 3.39 21.41 4.48
CA SER B 73 3.57 21.74 3.06
C SER B 73 4.95 21.24 2.61
N VAL B 74 5.13 21.10 1.30
CA VAL B 74 6.37 20.56 0.74
C VAL B 74 6.79 21.20 -0.58
N THR B 75 8.11 21.30 -0.77
CA THR B 75 8.71 21.65 -2.06
C THR B 75 9.96 20.78 -2.25
N SER B 76 10.30 20.50 -3.51
CA SER B 76 11.54 19.80 -3.85
C SER B 76 12.17 20.34 -5.13
N TRP B 77 13.41 19.92 -5.38
CA TRP B 77 14.15 20.31 -6.59
C TRP B 77 15.29 19.34 -6.86
N LEU B 78 15.73 19.30 -8.11
CA LEU B 78 16.83 18.45 -8.53
C LEU B 78 18.10 19.26 -8.78
N VAL B 79 19.23 18.77 -8.25
CA VAL B 79 20.55 19.23 -8.62
C VAL B 79 21.15 18.06 -9.39
N GLY B 80 20.96 18.08 -10.70
CA GLY B 80 21.25 16.93 -11.54
C GLY B 80 20.17 15.87 -11.38
N SER B 81 20.57 14.67 -10.96
CA SER B 81 19.63 13.59 -10.64
C SER B 81 19.25 13.53 -9.15
N ALA B 82 20.06 14.15 -8.29
CA ALA B 82 19.86 14.10 -6.84
C ALA B 82 18.69 14.98 -6.38
N ILE B 83 17.70 14.35 -5.74
CA ILE B 83 16.54 15.07 -5.18
C ILE B 83 16.86 15.71 -3.82
N HIS B 84 16.31 16.91 -3.61
CA HIS B 84 16.39 17.62 -2.35
C HIS B 84 14.98 18.06 -1.97
N ILE B 85 14.42 17.46 -0.90
CA ILE B 85 13.06 17.76 -0.42
C ILE B 85 13.11 18.64 0.83
N ARG B 86 12.15 19.57 0.94
CA ARG B 86 11.98 20.40 2.13
C ARG B 86 10.52 20.37 2.59
N VAL B 87 10.28 19.69 3.71
CA VAL B 87 8.94 19.58 4.31
C VAL B 87 8.82 20.59 5.45
N TYR B 88 7.68 21.28 5.50
CA TYR B 88 7.43 22.33 6.49
C TYR B 88 6.25 21.97 7.41
N ALA B 89 6.56 21.24 8.49
CA ALA B 89 5.58 20.82 9.48
C ALA B 89 5.32 21.95 10.49
N SER B 90 4.05 22.25 10.73
CA SER B 90 3.65 23.31 11.65
C SER B 90 2.70 22.79 12.73
N THR B 91 3.17 22.79 13.99
CA THR B 91 2.36 22.50 15.16
C THR B 91 2.13 23.82 15.90
N GLY B 92 0.90 24.31 15.87
CA GLY B 92 0.57 25.62 16.43
C GLY B 92 1.15 26.73 15.58
N THR B 93 2.11 27.48 16.14
CA THR B 93 2.86 28.52 15.41
C THR B 93 4.32 28.12 15.12
N THR B 94 4.75 26.93 15.57
CA THR B 94 6.13 26.46 15.38
C THR B 94 6.27 25.69 14.05
N THR B 95 6.61 26.41 13.00
CA THR B 95 6.85 25.83 11.68
C THR B 95 8.30 25.34 11.58
N THR B 96 8.48 24.02 11.67
CA THR B 96 9.81 23.39 11.59
C THR B 96 10.09 22.93 10.16
N GLU B 97 11.33 23.10 9.70
CA GLU B 97 11.78 22.62 8.39
C GLU B 97 12.49 21.28 8.56
N TRP B 98 12.22 20.35 7.64
CA TRP B 98 12.89 19.04 7.60
C TRP B 98 13.48 18.79 6.22
N CYS B 99 14.79 18.50 6.18
CA CYS B 99 15.59 18.49 4.96
C CYS B 99 16.10 17.10 4.60
N TRP B 100 15.63 16.58 3.46
CA TRP B 100 16.20 15.40 2.82
C TRP B 100 17.16 15.91 1.74
N ASP B 101 18.43 15.51 1.82
CA ASP B 101 19.46 15.95 0.86
C ASP B 101 20.23 14.79 0.22
N GLY B 102 19.72 13.56 0.33
CA GLY B 102 20.41 12.37 -0.17
C GLY B 102 20.24 11.18 0.75
N ASN B 103 20.62 11.35 2.01
CA ASN B 103 20.46 10.31 3.04
C ASN B 103 20.09 10.91 4.40
N GLY B 104 19.02 10.37 4.99
CA GLY B 104 18.47 10.88 6.25
C GLY B 104 17.76 12.23 6.16
N TRP B 105 16.75 12.41 7.00
CA TRP B 105 16.12 13.72 7.21
C TRP B 105 16.89 14.49 8.29
N THR B 106 16.91 15.81 8.15
CA THR B 106 17.66 16.69 9.06
C THR B 106 16.89 17.99 9.29
N LYS B 107 16.97 18.51 10.52
CA LYS B 107 16.28 19.75 10.89
C LYS B 107 16.99 20.94 10.23
N GLY B 108 16.23 21.74 9.48
CA GLY B 108 16.77 22.86 8.74
C GLY B 108 17.04 24.09 9.59
N ALA B 109 17.48 25.15 8.92
CA ALA B 109 17.75 26.44 9.57
C ALA B 109 16.62 27.45 9.35
N TYR B 110 15.39 26.96 9.13
CA TYR B 110 14.22 27.82 8.89
C TYR B 110 13.81 28.53 10.19
N THR B 111 13.49 29.82 10.06
CA THR B 111 13.02 30.65 11.17
C THR B 111 11.94 31.63 10.68
N ALA B 112 11.07 32.07 11.60
CA ALA B 112 10.00 33.01 11.27
C ALA B 112 9.65 33.89 12.46
C1 BMA C . -4.01 -36.53 -2.77
C2 BMA C . -4.44 -35.06 -2.68
C3 BMA C . -5.81 -34.98 -2.05
C4 BMA C . -6.79 -35.86 -2.82
C5 BMA C . -6.29 -37.30 -2.79
C6 BMA C . -7.26 -38.26 -3.50
O1 BMA C . -2.79 -36.64 -3.51
O2 BMA C . -4.45 -34.46 -3.98
O3 BMA C . -6.24 -33.62 -2.00
O4 BMA C . -8.11 -35.76 -2.27
O5 BMA C . -5.00 -37.34 -3.40
O6 BMA C . -6.59 -39.48 -3.83
C1 BMA D . 7.70 -26.27 3.00
C2 BMA D . 7.28 -24.90 2.50
C3 BMA D . 6.86 -24.00 3.67
C4 BMA D . 5.78 -24.70 4.48
C5 BMA D . 6.28 -26.07 4.92
C6 BMA D . 5.21 -26.84 5.69
O1 BMA D . 8.01 -27.13 1.92
O2 BMA D . 6.18 -25.07 1.59
O3 BMA D . 6.38 -22.74 3.20
O4 BMA D . 5.40 -23.89 5.58
O5 BMA D . 6.62 -26.83 3.75
O6 BMA D . 5.63 -28.19 5.96
C3' NHE E . -13.39 -11.73 -5.94
C2' NHE E . -11.97 -11.15 -5.97
C1' NHE E . -11.01 -11.94 -6.84
C6' NHE E . -11.60 -12.11 -8.24
N NHE E . -9.74 -11.25 -6.90
C1 NHE E . -8.53 -11.87 -7.41
C2 NHE E . -7.52 -10.81 -7.90
S NHE E . -6.02 -11.46 -8.18
O1 NHE E . -5.46 -10.85 -9.36
O2 NHE E . -5.04 -11.13 -6.90
O3 NHE E . -6.09 -12.89 -8.37
C5' NHE E . -12.93 -12.86 -8.15
C4' NHE E . -13.93 -12.07 -7.32
C1 BMA F . 0.94 7.11 -10.91
C2 BMA F . 0.55 6.99 -9.44
C3 BMA F . -0.41 5.82 -9.23
C4 BMA F . -1.57 5.87 -10.24
C5 BMA F . -1.04 6.00 -11.66
C6 BMA F . -2.18 6.08 -12.68
O1 BMA F . 1.74 8.29 -11.09
O2 BMA F . -0.07 8.21 -9.00
O3 BMA F . -0.93 5.82 -7.90
O4 BMA F . -2.35 4.67 -10.11
O5 BMA F . -0.22 7.18 -11.73
O6 BMA F . -1.71 6.57 -13.95
C1 BMA G . 13.27 9.53 -0.31
C2 BMA G . 12.69 10.23 0.93
C3 BMA G . 12.72 9.29 2.15
C4 BMA G . 12.07 7.95 1.81
C5 BMA G . 12.75 7.37 0.58
C6 BMA G . 12.15 6.02 0.17
O1 BMA G . 13.08 10.37 -1.45
O2 BMA G . 11.34 10.63 0.65
O3 BMA G . 12.05 9.88 3.27
O4 BMA G . 12.19 7.07 2.93
O5 BMA G . 12.61 8.29 -0.52
O6 BMA G . 12.97 5.43 -0.84
#